data_5USN
#
_entry.id   5USN
#
_cell.length_a   41.640
_cell.length_b   59.800
_cell.length_c   66.080
_cell.angle_alpha   90.00
_cell.angle_beta   90.00
_cell.angle_gamma   90.00
#
_symmetry.space_group_name_H-M   'P 21 21 21'
#
loop_
_entity.id
_entity.type
_entity.pdbx_description
1 polymer 'Protection of telomeres protein 1'
2 polymer "1-3R_9mer DNA/RNA (5'-R(*GP*GP*U)-D(P*TP*AP*CP*GP*GP*T)-3')"
3 non-polymer 'SODIUM ION'
4 water water
#
loop_
_entity_poly.entity_id
_entity_poly.type
_entity_poly.pdbx_seq_one_letter_code
_entity_poly.pdbx_strand_id
1 'polypeptide(L)'
;DSFSLLSQITPHQRCSFYAQVIKTWYSDKNFTLYVTDYTENELFFPMSPYTSSSRWRGPFGRFSIRCILWDEHDFYCRNY
IKEGDYVVMKNVRTKIDHLGYLECILHGDSAKRYNMSIEKVDSEEPELNEIKSRKRLYVQN
;
A
2 'polydeoxyribonucleotide/polyribonucleotide hybrid' GGU(DT)(DA)(DC)(DG)(DG)(DT) B
#
loop_
_chem_comp.id
_chem_comp.type
_chem_comp.name
_chem_comp.formula
DA DNA linking 2'-DEOXYADENOSINE-5'-MONOPHOSPHATE 'C10 H14 N5 O6 P'
DC DNA linking 2'-DEOXYCYTIDINE-5'-MONOPHOSPHATE 'C9 H14 N3 O7 P'
DG DNA linking 2'-DEOXYGUANOSINE-5'-MONOPHOSPHATE 'C10 H14 N5 O7 P'
DT DNA linking THYMIDINE-5'-MONOPHOSPHATE 'C10 H15 N2 O8 P'
G RNA linking GUANOSINE-5'-MONOPHOSPHATE 'C10 H14 N5 O8 P'
NA non-polymer 'SODIUM ION' 'Na 1'
U RNA linking URIDINE-5'-MONOPHOSPHATE 'C9 H13 N2 O9 P'
#
# COMPACT_ATOMS: atom_id res chain seq x y z
N ASP A 1 16.33 -3.04 -8.76
CA ASP A 1 15.13 -2.66 -8.02
C ASP A 1 14.13 -1.94 -8.91
N SER A 2 13.48 -2.69 -9.80
CA SER A 2 12.51 -2.12 -10.72
C SER A 2 11.16 -1.92 -10.01
N PHE A 3 10.55 -0.76 -10.26
CA PHE A 3 9.27 -0.42 -9.66
C PHE A 3 8.13 -0.79 -10.59
N SER A 4 7.01 -1.19 -9.99
CA SER A 4 5.79 -1.52 -10.72
C SER A 4 4.67 -0.59 -10.28
N LEU A 5 3.71 -0.40 -11.17
CA LEU A 5 2.43 0.17 -10.78
C LEU A 5 1.63 -0.90 -10.05
N LEU A 6 0.75 -0.47 -9.16
CA LEU A 6 -0.06 -1.44 -8.42
C LEU A 6 -1.00 -2.22 -9.34
N SER A 7 -1.29 -1.68 -10.53
CA SER A 7 -2.11 -2.43 -11.49
C SER A 7 -1.36 -3.61 -12.08
N GLN A 8 -0.04 -3.64 -11.93
CA GLN A 8 0.79 -4.66 -12.56
C GLN A 8 1.21 -5.77 -11.60
N ILE A 9 0.96 -5.64 -10.30
CA ILE A 9 1.50 -6.59 -9.35
C ILE A 9 0.61 -7.83 -9.32
N THR A 10 1.25 -8.97 -9.09
CA THR A 10 0.59 -10.27 -9.08
C THR A 10 0.94 -11.01 -7.79
N PRO A 11 0.13 -11.98 -7.40
CA PRO A 11 0.40 -12.69 -6.14
C PRO A 11 1.63 -13.58 -6.22
N HIS A 12 2.24 -13.78 -5.06
CA HIS A 12 3.37 -14.71 -4.89
C HIS A 12 4.57 -14.28 -5.72
N GLN A 13 4.81 -12.99 -5.66
CA GLN A 13 5.94 -12.37 -6.27
C GLN A 13 6.46 -11.33 -5.27
N ARG A 14 7.66 -10.84 -5.52
CA ARG A 14 8.15 -9.67 -4.82
C ARG A 14 8.03 -8.46 -5.74
N CYS A 15 7.64 -7.33 -5.18
CA CYS A 15 7.44 -6.13 -5.98
C CYS A 15 7.84 -4.90 -5.19
N SER A 16 8.09 -3.82 -5.91
CA SER A 16 8.41 -2.52 -5.34
C SER A 16 7.56 -1.46 -6.01
N PHE A 17 7.11 -0.48 -5.23
CA PHE A 17 6.21 0.52 -5.77
C PHE A 17 6.17 1.74 -4.86
N TYR A 18 5.71 2.84 -5.44
CA TYR A 18 5.35 4.05 -4.70
C TYR A 18 3.84 4.06 -4.51
N ALA A 19 3.40 4.63 -3.40
CA ALA A 19 1.97 4.70 -3.13
C ALA A 19 1.70 5.79 -2.10
N GLN A 20 0.42 6.14 -1.98
CA GLN A 20 -0.05 7.04 -0.94
C GLN A 20 -0.84 6.25 0.09
N VAL A 21 -0.60 6.55 1.36
CA VAL A 21 -1.27 5.87 2.46
C VAL A 21 -2.66 6.48 2.63
N ILE A 22 -3.68 5.65 2.52
CA ILE A 22 -5.06 6.09 2.74
C ILE A 22 -5.49 5.87 4.17
N LYS A 23 -5.18 4.69 4.72
CA LYS A 23 -5.64 4.28 6.04
C LYS A 23 -4.52 3.53 6.75
N THR A 24 -4.40 3.80 8.04
CA THR A 24 -3.50 3.08 8.94
C THR A 24 -4.30 2.50 10.09
N TRP A 25 -3.83 1.37 10.62
CA TRP A 25 -4.43 0.82 11.84
C TRP A 25 -3.40 -0.08 12.51
N TYR A 26 -3.04 0.23 13.75
CA TYR A 26 -2.15 -0.64 14.51
C TYR A 26 -2.96 -1.43 15.51
N SER A 27 -2.52 -2.66 15.76
CA SER A 27 -3.13 -3.53 16.76
C SER A 27 -2.01 -4.18 17.57
N ASP A 28 -2.40 -5.07 18.48
CA ASP A 28 -1.40 -5.79 19.27
C ASP A 28 -0.66 -6.85 18.45
N LYS A 29 -1.15 -7.19 17.26
CA LYS A 29 -0.52 -8.22 16.44
C LYS A 29 0.32 -7.68 15.29
N ASN A 30 -0.05 -6.55 14.70
CA ASN A 30 0.68 -6.05 13.54
C ASN A 30 0.27 -4.60 13.28
N PHE A 31 0.82 -4.04 12.20
CA PHE A 31 0.45 -2.73 11.71
C PHE A 31 -0.03 -2.89 10.28
N THR A 32 -1.19 -2.31 9.97
CA THR A 32 -1.82 -2.47 8.68
C THR A 32 -1.90 -1.13 7.97
N LEU A 33 -1.52 -1.13 6.69
CA LEU A 33 -1.64 0.01 5.81
C LEU A 33 -2.55 -0.35 4.66
N TYR A 34 -3.34 0.63 4.21
CA TYR A 34 -4.09 0.53 2.96
C TYR A 34 -3.56 1.65 2.07
N VAL A 35 -3.03 1.27 0.90
CA VAL A 35 -2.33 2.22 0.05
C VAL A 35 -2.88 2.14 -1.37
N THR A 36 -2.58 3.17 -2.15
CA THR A 36 -3.05 3.27 -3.53
C THR A 36 -2.05 4.09 -4.33
N ASP A 37 -1.94 3.79 -5.62
CA ASP A 37 -1.30 4.68 -6.56
C ASP A 37 -2.28 5.12 -7.64
N TYR A 38 -3.57 4.91 -7.37
CA TYR A 38 -4.67 5.33 -8.26
C TYR A 38 -4.61 4.59 -9.60
N THR A 39 -4.17 3.35 -9.55
CA THR A 39 -4.31 2.42 -10.67
C THR A 39 -5.08 1.20 -10.18
N GLU A 40 -5.93 0.65 -11.05
CA GLU A 40 -6.83 -0.44 -10.68
C GLU A 40 -6.17 -1.79 -10.90
N ASN A 41 -6.42 -2.72 -9.98
CA ASN A 41 -5.95 -4.09 -10.07
C ASN A 41 -7.14 -5.02 -9.87
N GLU A 42 -7.34 -5.94 -10.80
CA GLU A 42 -8.52 -6.82 -10.76
C GLU A 42 -8.59 -7.65 -9.49
N LEU A 43 -7.48 -7.84 -8.78
CA LEU A 43 -7.46 -8.67 -7.58
C LEU A 43 -7.60 -7.86 -6.31
N PHE A 44 -7.72 -6.54 -6.40
CA PHE A 44 -7.94 -5.71 -5.23
C PHE A 44 -9.39 -5.80 -4.78
N PHE A 45 -9.60 -5.55 -3.50
CA PHE A 45 -10.94 -5.51 -2.95
C PHE A 45 -11.70 -4.33 -3.52
N PRO A 46 -12.97 -4.50 -3.89
CA PRO A 46 -13.76 -3.35 -4.36
C PRO A 46 -14.29 -2.53 -3.20
N MET A 47 -13.64 -1.39 -2.91
CA MET A 47 -14.06 -0.55 -1.80
C MET A 47 -15.39 0.12 -2.11
N SER A 48 -16.35 -0.04 -1.19
CA SER A 48 -17.71 0.40 -1.45
C SER A 48 -17.88 1.85 -1.01
N PRO A 49 -18.42 2.72 -1.87
CA PRO A 49 -18.75 4.08 -1.42
C PRO A 49 -20.01 4.13 -0.55
N TYR A 50 -20.69 3.00 -0.36
CA TYR A 50 -21.95 2.97 0.37
C TYR A 50 -21.80 2.49 1.80
N THR A 51 -20.93 1.51 2.04
CA THR A 51 -20.76 0.94 3.36
C THR A 51 -19.41 1.27 3.98
N SER A 52 -18.50 1.91 3.24
CA SER A 52 -17.20 2.25 3.77
C SER A 52 -17.34 3.31 4.87
N SER A 53 -16.38 3.30 5.78
CA SER A 53 -16.36 4.33 6.81
C SER A 53 -16.26 5.70 6.17
N SER A 54 -17.02 6.66 6.73
CA SER A 54 -16.96 8.02 6.25
C SER A 54 -15.55 8.59 6.32
N ARG A 55 -14.73 7.98 7.15
CA ARG A 55 -13.33 8.39 7.29
C ARG A 55 -12.49 8.12 6.03
N TRP A 56 -12.72 7.00 5.33
CA TRP A 56 -11.98 6.65 4.14
C TRP A 56 -11.83 7.77 3.14
N ARG A 57 -10.63 8.30 3.05
CA ARG A 57 -10.35 9.33 2.06
C ARG A 57 -9.71 8.84 0.74
N GLY A 58 -9.78 7.55 0.40
CA GLY A 58 -9.23 7.12 -0.83
C GLY A 58 -10.25 6.83 -1.89
N PRO A 59 -9.79 6.16 -2.93
CA PRO A 59 -10.68 5.82 -4.03
C PRO A 59 -11.58 4.65 -3.68
N PHE A 60 -12.62 4.49 -4.48
CA PHE A 60 -13.53 3.38 -4.38
C PHE A 60 -13.31 2.46 -5.56
N GLY A 61 -13.78 1.23 -5.42
CA GLY A 61 -13.44 0.19 -6.37
C GLY A 61 -12.12 -0.47 -6.04
N ARG A 62 -11.54 -1.10 -7.06
CA ARG A 62 -10.37 -1.96 -6.88
C ARG A 62 -9.07 -1.18 -7.06
N PHE A 63 -8.88 -0.16 -6.21
CA PHE A 63 -7.80 0.79 -6.37
C PHE A 63 -6.82 0.82 -5.21
N SER A 64 -7.06 0.04 -4.15
CA SER A 64 -6.21 0.08 -2.97
C SER A 64 -5.90 -1.33 -2.50
N ILE A 65 -4.76 -1.47 -1.83
CA ILE A 65 -4.28 -2.77 -1.37
C ILE A 65 -3.93 -2.67 0.11
N ARG A 66 -4.24 -3.73 0.84
CA ARG A 66 -3.90 -3.83 2.25
C ARG A 66 -2.47 -4.36 2.37
N CYS A 67 -1.68 -3.70 3.20
CA CYS A 67 -0.32 -4.11 3.52
C CYS A 67 -0.24 -4.46 4.99
N ILE A 68 0.24 -5.65 5.30
CA ILE A 68 0.40 -6.09 6.69
C ILE A 68 1.87 -6.03 7.03
N LEU A 69 2.20 -5.31 8.09
CA LEU A 69 3.57 -5.15 8.55
C LEU A 69 3.75 -5.84 9.89
N TRP A 70 4.77 -6.68 9.98
CA TRP A 70 5.05 -7.45 11.19
C TRP A 70 6.42 -7.09 11.76
N ASP A 71 6.58 -7.39 13.04
CA ASP A 71 7.87 -7.32 13.73
C ASP A 71 8.55 -5.98 13.52
N GLU A 72 9.79 -5.98 13.00
CA GLU A 72 10.54 -4.73 12.89
C GLU A 72 9.79 -3.69 12.06
N HIS A 73 9.06 -4.13 11.03
CA HIS A 73 8.32 -3.20 10.20
C HIS A 73 7.18 -2.55 10.98
N ASP A 74 6.50 -3.36 11.80
CA ASP A 74 5.46 -2.88 12.69
C ASP A 74 6.02 -1.87 13.68
N PHE A 75 7.06 -2.26 14.43
CA PHE A 75 7.62 -1.36 15.42
C PHE A 75 8.10 -0.06 14.80
N TYR A 76 8.66 -0.14 13.59
CA TYR A 76 9.18 1.06 12.94
C TYR A 76 8.05 1.99 12.51
N CYS A 77 7.01 1.45 11.89
CA CYS A 77 6.03 2.29 11.20
C CYS A 77 4.83 2.68 12.04
N ARG A 78 4.52 1.94 13.11
CA ARG A 78 3.22 2.03 13.75
C ARG A 78 2.93 3.43 14.31
N ASN A 79 3.96 4.19 14.65
CA ASN A 79 3.77 5.56 15.14
C ASN A 79 4.56 6.53 14.28
N TYR A 80 4.67 6.23 12.99
CA TYR A 80 5.51 7.00 12.08
C TYR A 80 4.77 7.28 10.77
N ILE A 81 4.30 6.24 10.11
CA ILE A 81 3.58 6.39 8.85
C ILE A 81 2.15 6.84 9.15
N LYS A 82 1.76 7.97 8.57
CA LYS A 82 0.45 8.55 8.80
C LYS A 82 -0.39 8.51 7.53
N GLU A 83 -1.71 8.52 7.71
CA GLU A 83 -2.62 8.62 6.59
C GLU A 83 -2.33 9.89 5.80
N GLY A 84 -2.29 9.77 4.48
CA GLY A 84 -1.92 10.84 3.59
C GLY A 84 -0.45 10.85 3.20
N ASP A 85 0.41 10.22 4.00
CA ASP A 85 1.82 10.13 3.66
C ASP A 85 2.01 9.34 2.36
N TYR A 86 3.12 9.62 1.70
CA TYR A 86 3.58 8.83 0.57
C TYR A 86 4.68 7.89 1.02
N VAL A 87 4.69 6.69 0.46
CA VAL A 87 5.68 5.70 0.84
C VAL A 87 6.26 5.07 -0.43
N VAL A 88 7.45 4.50 -0.27
CA VAL A 88 8.04 3.62 -1.25
C VAL A 88 8.28 2.30 -0.55
N MET A 89 7.75 1.22 -1.11
CA MET A 89 7.90 -0.11 -0.56
C MET A 89 8.74 -0.92 -1.54
N LYS A 90 9.72 -1.66 -1.02
CA LYS A 90 10.66 -2.39 -1.85
C LYS A 90 10.69 -3.86 -1.47
N ASN A 91 10.56 -4.72 -2.47
CA ASN A 91 10.72 -6.16 -2.31
C ASN A 91 9.73 -6.75 -1.32
N VAL A 92 8.51 -6.21 -1.31
CA VAL A 92 7.48 -6.72 -0.42
C VAL A 92 6.87 -7.98 -1.01
N ARG A 93 6.44 -8.88 -0.13
CA ARG A 93 5.80 -10.12 -0.55
C ARG A 93 4.33 -9.85 -0.87
N THR A 94 3.86 -10.48 -1.94
CA THR A 94 2.44 -10.43 -2.30
C THR A 94 1.84 -11.82 -2.12
N LYS A 95 0.56 -11.84 -1.79
CA LYS A 95 -0.14 -13.10 -1.59
C LYS A 95 -1.64 -12.86 -1.72
N ILE A 96 -2.41 -13.93 -1.57
CA ILE A 96 -3.86 -13.89 -1.62
C ILE A 96 -4.40 -14.14 -0.22
N ASP A 97 -5.46 -13.43 0.16
CA ASP A 97 -6.07 -13.67 1.45
C ASP A 97 -7.09 -14.81 1.33
N HIS A 98 -7.70 -15.18 2.46
CA HIS A 98 -8.62 -16.31 2.47
C HIS A 98 -9.82 -16.10 1.55
N LEU A 99 -10.07 -14.86 1.15
CA LEU A 99 -11.17 -14.57 0.27
C LEU A 99 -10.79 -14.36 -1.19
N GLY A 100 -9.53 -14.46 -1.51
CA GLY A 100 -9.10 -14.34 -2.89
C GLY A 100 -8.53 -12.99 -3.29
N TYR A 101 -8.39 -12.06 -2.36
CA TYR A 101 -7.92 -10.72 -2.70
C TYR A 101 -6.42 -10.59 -2.46
N LEU A 102 -5.77 -9.80 -3.30
CA LEU A 102 -4.34 -9.59 -3.22
C LEU A 102 -4.00 -8.70 -2.02
N GLU A 103 -2.92 -9.01 -1.34
CA GLU A 103 -2.42 -8.19 -0.24
C GLU A 103 -0.90 -8.23 -0.24
N CYS A 104 -0.30 -7.22 0.39
CA CYS A 104 1.14 -7.11 0.53
C CYS A 104 1.54 -7.44 1.97
N ILE A 105 2.72 -8.03 2.12
CA ILE A 105 3.18 -8.53 3.41
C ILE A 105 4.62 -8.07 3.63
N LEU A 106 4.87 -7.41 4.74
CA LEU A 106 6.23 -7.16 5.22
C LEU A 106 6.40 -8.02 6.46
N HIS A 107 7.07 -9.15 6.31
CA HIS A 107 7.25 -10.12 7.37
C HIS A 107 8.62 -9.94 8.03
N GLY A 108 8.75 -10.48 9.24
CA GLY A 108 10.01 -10.42 9.95
C GLY A 108 11.15 -11.00 9.14
N ASP A 109 12.25 -10.26 9.03
CA ASP A 109 13.42 -10.67 8.25
C ASP A 109 14.65 -10.10 8.95
N SER A 110 14.92 -10.61 10.15
CA SER A 110 16.04 -10.09 10.93
C SER A 110 17.38 -10.31 10.24
N ALA A 111 17.49 -11.33 9.39
CA ALA A 111 18.72 -11.59 8.67
C ALA A 111 18.86 -10.78 7.39
N LYS A 112 17.92 -9.87 7.11
CA LYS A 112 17.93 -9.07 5.89
C LYS A 112 18.15 -9.96 4.67
N ARG A 113 17.38 -11.04 4.59
CA ARG A 113 17.49 -11.96 3.48
C ARG A 113 16.89 -11.37 2.20
N TYR A 114 15.76 -10.66 2.32
CA TYR A 114 15.02 -10.20 1.16
C TYR A 114 15.16 -8.69 0.91
N ASN A 115 15.89 -7.98 1.76
CA ASN A 115 16.06 -6.53 1.63
C ASN A 115 14.72 -5.82 1.48
N MET A 116 13.75 -6.21 2.31
CA MET A 116 12.48 -5.53 2.34
C MET A 116 12.63 -4.17 3.01
N SER A 117 11.81 -3.22 2.60
CA SER A 117 11.85 -1.92 3.25
C SER A 117 10.60 -1.13 2.90
N ILE A 118 10.28 -0.19 3.77
CA ILE A 118 9.26 0.81 3.52
C ILE A 118 9.80 2.12 4.07
N GLU A 119 9.70 3.19 3.29
CA GLU A 119 10.18 4.48 3.74
C GLU A 119 9.23 5.57 3.27
N LYS A 120 9.16 6.63 4.06
CA LYS A 120 8.32 7.78 3.75
C LYS A 120 8.97 8.60 2.64
N VAL A 121 8.15 9.05 1.70
CA VAL A 121 8.61 9.85 0.58
C VAL A 121 7.99 11.23 0.71
N ASP A 122 8.83 12.26 0.78
CA ASP A 122 8.33 13.62 0.88
C ASP A 122 7.41 13.94 -0.30
N SER A 123 6.28 14.59 0.00
CA SER A 123 5.26 14.80 -1.02
C SER A 123 5.77 15.60 -2.21
N GLU A 124 6.86 16.36 -2.05
CA GLU A 124 7.39 17.16 -3.14
C GLU A 124 8.22 16.36 -4.14
N GLU A 125 8.57 15.12 -3.82
CA GLU A 125 9.47 14.37 -4.68
C GLU A 125 8.82 14.14 -6.05
N PRO A 126 9.55 14.33 -7.15
CA PRO A 126 8.94 14.15 -8.48
C PRO A 126 8.50 12.72 -8.75
N GLU A 127 9.03 11.75 -8.02
CA GLU A 127 8.63 10.36 -8.22
C GLU A 127 7.16 10.14 -7.94
N LEU A 128 6.50 11.08 -7.27
CA LEU A 128 5.09 10.98 -6.92
C LEU A 128 4.18 11.70 -7.90
N ASN A 129 4.73 12.29 -8.96
CA ASN A 129 3.92 13.11 -9.85
C ASN A 129 2.86 12.29 -10.58
N GLU A 130 3.16 11.03 -10.91
CA GLU A 130 2.17 10.21 -11.61
C GLU A 130 1.02 9.84 -10.69
N ILE A 131 1.32 9.52 -9.43
CA ILE A 131 0.24 9.32 -8.46
C ILE A 131 -0.63 10.55 -8.38
N LYS A 132 -0.01 11.72 -8.22
CA LYS A 132 -0.76 12.96 -8.12
C LYS A 132 -1.58 13.21 -9.38
N SER A 133 -1.01 12.90 -10.55
CA SER A 133 -1.72 13.13 -11.80
C SER A 133 -2.92 12.21 -11.93
N ARG A 134 -2.78 10.93 -11.58
CA ARG A 134 -3.91 10.02 -11.64
C ARG A 134 -4.97 10.37 -10.60
N LYS A 135 -4.56 10.87 -9.43
CA LYS A 135 -5.53 11.32 -8.45
C LYS A 135 -6.34 12.49 -9.00
N ARG A 136 -5.68 13.39 -9.73
CA ARG A 136 -6.37 14.50 -10.35
C ARG A 136 -7.40 13.95 -11.34
N LEU A 137 -6.98 13.00 -12.19
CA LEU A 137 -7.90 12.37 -13.13
C LEU A 137 -9.05 11.70 -12.40
N TYR A 138 -8.76 10.97 -11.32
CA TYR A 138 -9.81 10.32 -10.55
C TYR A 138 -10.80 11.34 -10.02
N VAL A 139 -10.30 12.33 -9.26
CA VAL A 139 -11.18 13.32 -8.64
C VAL A 139 -11.97 14.08 -9.69
N GLN A 140 -11.33 14.44 -10.80
CA GLN A 140 -12.03 15.17 -11.85
C GLN A 140 -12.99 14.26 -12.60
N ASN A 141 -12.46 13.24 -13.28
CA ASN A 141 -13.27 12.27 -13.99
C ASN A 141 -14.31 12.98 -14.87
NA NA C . 0.63 -18.18 9.99
#